data_4P1J
#
_entry.id   4P1J
#
_cell.length_a   155.505
_cell.length_b   155.505
_cell.length_c   137.958
_cell.angle_alpha   90.00
_cell.angle_beta   90.00
_cell.angle_gamma   120.00
#
_symmetry.space_group_name_H-M   'P 63 2 2'
#
loop_
_entity.id
_entity.type
_entity.pdbx_description
1 polymer 'Exoglucanase 1'
2 branched beta-D-glucopyranose-(1-4)-beta-D-glucopyranose
3 non-polymer 2-acetamido-2-deoxy-beta-D-glucopyranose
4 non-polymer 'SAMARIUM (III) ION'
5 water water
#
_entity_poly.entity_id   1
_entity_poly.type   'polypeptide(L)'
_entity_poly.pdbx_seq_one_letter_code
;(PCA)SACTLQSETHPPLTWQKCSSGGTCTQQTGSVVIDANWRWTHATNSSTNCYDGNTWSSTLCPDNETCAKNCCLDGA
AYASTYGVTTSGNSLSIGFVTQSAQKNVGARLYLMASDTTYQEFTLLGNEFSFDVDVSQLPCGLNGALYFVSMDADGGVS
KYPTNTAGAKYGTGYCDSQCPRDLKFINGQANVEGWEPSSNNANTGIGGHGSCCSEMDIWEANSISEALTPHPCTTVGQE
ICEGDGCGGTYSDNRYGGTCDPDGCDWNPYRLGNTSFYGPGSSFTLDTTKKLTVVTQFETSGAINRYYVQNGVTFQQPNA
ELGSYSGNELNDDYCTAEEAEFGGSSFSDKGGLTQFKKATSGGMVLVMSLWDDYYANMLWLDSTYPTNETSSTPGAVRGS
CSTSSGVPAQVESQSPNAKVTFSNIKFGPIGSTGNPSG
;
_entity_poly.pdbx_strand_id   A
#
# COMPACT_ATOMS: atom_id res chain seq x y z
N SER A 2 4.96 -0.91 24.13
CA SER A 2 3.76 -1.45 24.79
C SER A 2 2.57 -0.54 24.43
N ALA A 3 1.40 -0.85 24.94
CA ALA A 3 0.21 -0.10 24.60
C ALA A 3 -0.34 0.63 25.79
N CYS A 4 -0.70 1.90 25.60
CA CYS A 4 -1.42 2.66 26.62
C CYS A 4 -2.85 2.94 26.24
N THR A 5 -3.70 3.11 27.25
CA THR A 5 -5.12 3.35 27.06
C THR A 5 -5.65 4.71 27.50
N LEU A 6 -4.88 5.79 27.41
CA LEU A 6 -5.47 7.15 27.60
C LEU A 6 -6.55 7.46 26.57
N GLN A 7 -6.34 6.91 25.37
CA GLN A 7 -7.31 6.97 24.29
C GLN A 7 -7.60 5.50 23.91
N SER A 8 -8.84 5.05 24.00
CA SER A 8 -9.15 3.64 23.68
C SER A 8 -9.10 3.35 22.21
N GLU A 9 -8.70 2.11 21.95
CA GLU A 9 -8.49 1.62 20.61
C GLU A 9 -9.67 0.75 20.25
N THR A 10 -10.49 1.25 19.32
CA THR A 10 -11.63 0.55 18.82
C THR A 10 -11.56 0.58 17.29
N HIS A 11 -11.48 -0.60 16.71
CA HIS A 11 -11.30 -0.72 15.28
C HIS A 11 -12.63 -0.45 14.55
N PRO A 12 -12.63 0.46 13.56
CA PRO A 12 -13.81 0.57 12.73
C PRO A 12 -14.24 -0.79 12.07
N PRO A 13 -15.51 -1.11 12.09
CA PRO A 13 -15.94 -2.37 11.47
C PRO A 13 -15.98 -2.26 9.95
N LEU A 14 -15.87 -3.40 9.25
CA LEU A 14 -15.99 -3.44 7.77
C LEU A 14 -16.36 -4.83 7.39
N THR A 15 -17.46 -5.01 6.67
CA THR A 15 -17.85 -6.36 6.23
C THR A 15 -17.21 -6.65 4.87
N TRP A 16 -16.88 -7.91 4.63
CA TRP A 16 -16.45 -8.33 3.29
C TRP A 16 -17.05 -9.70 3.01
N GLN A 17 -16.81 -10.23 1.82
CA GLN A 17 -17.42 -11.49 1.43
C GLN A 17 -16.39 -12.58 1.13
N LYS A 18 -16.66 -13.77 1.63
CA LYS A 18 -15.86 -14.92 1.35
C LYS A 18 -16.67 -15.75 0.39
N CYS A 19 -16.14 -15.95 -0.81
CA CYS A 19 -16.88 -16.60 -1.87
C CYS A 19 -16.49 -18.05 -2.05
N SER A 20 -17.40 -18.82 -2.57
CA SER A 20 -17.21 -20.25 -2.67
C SER A 20 -17.45 -20.76 -4.13
N SER A 21 -16.81 -21.84 -4.49
CA SER A 21 -16.96 -22.44 -5.81
C SER A 21 -18.30 -23.04 -6.03
N GLY A 22 -19.02 -23.29 -4.93
CA GLY A 22 -20.38 -23.75 -4.97
C GLY A 22 -21.44 -22.77 -5.42
N GLY A 23 -21.10 -21.55 -5.80
CA GLY A 23 -22.10 -20.55 -6.17
C GLY A 23 -22.52 -19.51 -5.12
N THR A 24 -22.07 -19.61 -3.87
CA THR A 24 -22.54 -18.64 -2.86
C THR A 24 -21.40 -17.78 -2.30
N CYS A 25 -21.77 -16.71 -1.58
CA CYS A 25 -20.80 -15.83 -0.89
C CYS A 25 -21.33 -15.70 0.51
N THR A 26 -20.46 -15.72 1.52
CA THR A 26 -20.83 -15.59 2.92
C THR A 26 -20.17 -14.36 3.54
N GLN A 27 -20.95 -13.61 4.29
CA GLN A 27 -20.52 -12.34 4.90
C GLN A 27 -19.58 -12.61 6.04
N GLN A 28 -18.50 -11.85 6.11
CA GLN A 28 -17.49 -11.96 7.14
C GLN A 28 -17.45 -10.62 7.84
N THR A 29 -17.15 -10.62 9.12
CA THR A 29 -17.03 -9.39 9.85
C THR A 29 -15.63 -9.05 10.17
N GLY A 30 -15.12 -7.98 9.63
CA GLY A 30 -13.78 -7.58 9.95
C GLY A 30 -13.77 -6.22 10.55
N SER A 31 -12.58 -5.66 10.67
CA SER A 31 -12.43 -4.34 11.18
C SER A 31 -11.13 -3.88 10.61
N VAL A 32 -10.82 -2.59 10.70
CA VAL A 32 -9.56 -2.05 10.20
C VAL A 32 -8.84 -1.41 11.34
N VAL A 33 -7.50 -1.48 11.29
CA VAL A 33 -6.63 -0.82 12.28
C VAL A 33 -5.62 0.14 11.59
N ILE A 34 -5.29 1.26 12.23
CA ILE A 34 -4.35 2.16 11.63
C ILE A 34 -2.92 1.76 12.05
N ASP A 35 -1.97 1.97 11.16
CA ASP A 35 -0.57 1.66 11.36
C ASP A 35 0.03 2.44 12.54
N ALA A 36 0.91 1.81 13.28
CA ALA A 36 1.49 2.37 14.51
C ALA A 36 2.15 3.69 14.30
N ASN A 37 2.75 3.93 13.18
CA ASN A 37 3.41 5.21 12.98
C ASN A 37 2.58 6.50 13.10
N TRP A 38 1.29 6.37 12.91
CA TRP A 38 0.38 7.52 12.94
C TRP A 38 -0.07 7.79 14.36
N ARG A 39 0.33 6.94 15.30
CA ARG A 39 -0.20 6.99 16.63
C ARG A 39 0.63 7.92 17.47
N TRP A 40 0.05 8.31 18.58
CA TRP A 40 0.73 9.07 19.59
C TRP A 40 1.62 8.10 20.44
N THR A 41 2.91 8.42 20.51
CA THR A 41 3.88 7.69 21.30
C THR A 41 4.25 8.52 22.53
N HIS A 42 4.00 8.01 23.71
CA HIS A 42 4.32 8.76 24.91
C HIS A 42 4.84 7.80 25.96
N ALA A 43 5.29 8.37 27.08
CA ALA A 43 5.89 7.62 28.20
C ALA A 43 4.86 6.67 28.78
N THR A 44 5.31 5.51 29.29
CA THR A 44 4.37 4.51 29.82
C THR A 44 3.59 5.05 30.99
N ASN A 45 4.26 5.81 31.86
CA ASN A 45 3.70 6.30 33.15
C ASN A 45 3.18 7.76 33.10
N SER A 46 3.34 8.47 31.98
CA SER A 46 3.06 9.92 31.92
C SER A 46 2.50 10.34 30.51
N SER A 47 2.53 11.63 30.18
CA SER A 47 2.03 12.09 28.90
C SER A 47 3.07 12.77 28.03
N THR A 48 4.33 12.56 28.36
CA THR A 48 5.35 13.29 27.66
C THR A 48 5.58 12.51 26.42
N ASN A 49 5.56 13.23 25.31
CA ASN A 49 5.86 12.60 24.07
C ASN A 49 7.23 11.98 24.07
N CYS A 50 7.33 10.79 23.45
CA CYS A 50 8.59 10.21 23.10
C CYS A 50 8.97 10.71 21.71
N TYR A 51 8.01 11.21 20.93
CA TYR A 51 8.36 11.63 19.57
C TYR A 51 7.53 12.86 19.22
N ASP A 52 8.13 13.81 18.53
CA ASP A 52 7.49 15.09 18.28
C ASP A 52 8.00 15.74 16.99
N GLY A 53 7.09 16.13 16.09
CA GLY A 53 7.50 16.56 14.77
C GLY A 53 8.34 15.46 14.15
N ASN A 54 9.64 15.65 14.03
CA ASN A 54 10.47 14.57 13.56
C ASN A 54 11.69 14.36 14.41
N THR A 55 11.56 14.40 15.71
CA THR A 55 12.68 14.02 16.60
C THR A 55 12.23 13.38 17.89
N TRP A 56 13.14 12.60 18.43
CA TRP A 56 12.86 11.80 19.57
C TRP A 56 13.35 12.46 20.85
N SER A 57 12.66 12.24 21.96
CA SER A 57 13.11 12.62 23.31
C SER A 57 14.46 11.96 23.66
N SER A 58 15.49 12.81 23.83
CA SER A 58 16.86 12.38 24.31
C SER A 58 16.82 11.71 25.67
N THR A 59 15.86 12.12 26.51
CA THR A 59 15.74 11.60 27.87
C THR A 59 15.03 10.23 27.94
N LEU A 60 13.86 10.11 27.33
CA LEU A 60 13.09 8.85 27.40
C LEU A 60 13.63 7.72 26.54
N CYS A 61 14.48 8.08 25.62
CA CYS A 61 14.54 7.37 24.37
C CYS A 61 15.93 7.58 23.75
N PRO A 62 16.96 7.19 24.51
CA PRO A 62 18.34 7.44 24.12
C PRO A 62 18.91 6.29 23.28
N ASP A 63 18.23 5.16 23.24
CA ASP A 63 18.65 4.07 22.34
C ASP A 63 17.38 3.26 21.93
N ASN A 64 17.56 2.19 21.13
CA ASN A 64 16.41 1.50 20.61
C ASN A 64 15.73 0.63 21.69
N GLU A 65 16.50 -0.11 22.52
CA GLU A 65 15.89 -1.05 23.52
C GLU A 65 15.19 -0.27 24.68
N THR A 66 15.84 0.78 25.17
CA THR A 66 15.38 1.55 26.34
C THR A 66 14.08 2.26 26.02
N CYS A 67 14.11 2.93 24.87
CA CYS A 67 12.96 3.61 24.35
C CYS A 67 11.73 2.73 24.16
N ALA A 68 11.91 1.48 23.77
CA ALA A 68 10.80 0.50 23.77
C ALA A 68 10.27 0.16 25.15
N LYS A 69 11.14 0.13 26.16
CA LYS A 69 10.77 -0.09 27.57
C LYS A 69 10.01 1.16 28.09
N ASN A 70 10.46 2.35 27.75
CA ASN A 70 9.80 3.56 28.25
C ASN A 70 8.60 4.08 27.48
N CYS A 71 8.37 3.58 26.27
CA CYS A 71 7.36 4.20 25.41
C CYS A 71 6.26 3.26 25.08
N CYS A 72 5.12 3.87 24.83
CA CYS A 72 3.98 3.11 24.44
C CYS A 72 3.19 3.82 23.33
N LEU A 73 2.36 3.05 22.64
CA LEU A 73 1.50 3.57 21.60
C LEU A 73 0.11 3.75 22.16
N ASP A 74 -0.54 4.87 21.81
CA ASP A 74 -1.91 4.98 22.27
C ASP A 74 -2.98 4.71 21.19
N GLY A 75 -4.23 4.65 21.62
CA GLY A 75 -5.36 4.47 20.73
C GLY A 75 -5.47 5.58 19.72
N ALA A 76 -6.31 5.42 18.72
CA ALA A 76 -6.51 6.42 17.67
C ALA A 76 -8.01 6.78 17.48
N ALA A 77 -8.26 8.06 17.21
CA ALA A 77 -9.59 8.60 16.89
C ALA A 77 -9.78 8.62 15.34
N TYR A 78 -10.32 7.54 14.81
CA TYR A 78 -10.20 7.23 13.40
C TYR A 78 -10.79 8.32 12.55
N ALA A 79 -11.99 8.73 12.88
CA ALA A 79 -12.73 9.73 12.16
C ALA A 79 -12.25 11.11 12.40
N SER A 80 -12.07 11.54 13.65
CA SER A 80 -11.80 12.98 13.89
C SER A 80 -10.35 13.35 13.72
N THR A 81 -9.44 12.46 14.07
CA THR A 81 -8.04 12.72 13.83
C THR A 81 -7.62 12.26 12.42
N TYR A 82 -7.98 11.06 12.01
CA TYR A 82 -7.36 10.49 10.81
C TYR A 82 -8.19 10.46 9.57
N GLY A 83 -9.40 10.99 9.60
CA GLY A 83 -10.28 11.01 8.40
C GLY A 83 -10.74 9.64 7.87
N VAL A 84 -10.77 8.64 8.75
CA VAL A 84 -11.14 7.30 8.38
C VAL A 84 -12.54 6.98 8.91
N THR A 85 -13.43 6.65 7.99
CA THR A 85 -14.78 6.24 8.30
C THR A 85 -15.11 4.95 7.54
N THR A 86 -16.00 4.15 8.11
CA THR A 86 -16.56 3.02 7.45
C THR A 86 -18.06 3.02 7.56
N SER A 87 -18.69 2.31 6.64
CA SER A 87 -20.13 2.17 6.60
C SER A 87 -20.47 0.90 5.83
N GLY A 88 -20.78 -0.17 6.51
CA GLY A 88 -21.20 -1.40 5.79
C GLY A 88 -19.98 -2.06 5.22
N ASN A 89 -19.94 -2.22 3.91
CA ASN A 89 -18.78 -2.87 3.29
C ASN A 89 -17.82 -1.86 2.67
N SER A 90 -18.01 -0.61 3.05
CA SER A 90 -17.33 0.53 2.48
C SER A 90 -16.36 1.23 3.45
N LEU A 91 -15.25 1.71 2.94
CA LEU A 91 -14.23 2.38 3.76
C LEU A 91 -13.77 3.62 3.06
N SER A 92 -13.79 4.74 3.77
CA SER A 92 -13.32 5.98 3.20
C SER A 92 -12.15 6.47 3.94
N ILE A 93 -11.24 7.02 3.20
CA ILE A 93 -10.10 7.58 3.79
C ILE A 93 -9.93 8.97 3.23
N GLY A 94 -9.86 9.96 4.09
CA GLY A 94 -9.64 11.33 3.66
C GLY A 94 -8.15 11.63 3.71
N PHE A 95 -7.83 12.67 2.95
CA PHE A 95 -6.48 13.14 2.73
C PHE A 95 -5.94 14.06 3.83
N VAL A 96 -6.43 15.30 3.95
CA VAL A 96 -6.02 16.17 5.07
C VAL A 96 -7.18 16.36 6.08
N THR A 97 -6.91 16.02 7.31
CA THR A 97 -7.89 16.17 8.37
C THR A 97 -7.33 17.07 9.48
N GLN A 98 -8.02 18.17 9.71
CA GLN A 98 -7.65 19.15 10.74
C GLN A 98 -8.33 18.79 12.02
N SER A 99 -7.54 18.59 13.05
CA SER A 99 -8.08 18.56 14.42
C SER A 99 -7.08 19.43 15.25
N ALA A 100 -6.74 19.00 16.47
CA ALA A 100 -5.57 19.52 17.19
C ALA A 100 -4.31 19.69 16.31
N GLN A 101 -3.82 18.65 15.62
CA GLN A 101 -2.80 18.86 14.54
C GLN A 101 -3.41 18.61 13.12
N LYS A 102 -2.56 18.65 12.09
CA LYS A 102 -2.97 18.38 10.68
C LYS A 102 -2.53 16.97 10.39
N ASN A 103 -3.45 16.06 10.10
CA ASN A 103 -3.03 14.74 9.69
C ASN A 103 -3.16 14.60 8.18
N VAL A 104 -2.12 14.00 7.58
CA VAL A 104 -2.11 13.67 6.17
C VAL A 104 -2.16 12.17 5.92
N GLY A 105 -3.19 11.67 5.27
CA GLY A 105 -3.21 10.27 4.92
C GLY A 105 -3.32 9.25 6.08
N ALA A 106 -3.46 7.99 5.70
CA ALA A 106 -3.55 6.88 6.60
C ALA A 106 -3.18 5.60 5.89
N ARG A 107 -2.58 4.66 6.60
CA ARG A 107 -2.43 3.30 6.13
C ARG A 107 -3.13 2.35 7.12
N LEU A 108 -4.04 1.49 6.63
CA LEU A 108 -4.87 0.66 7.51
C LEU A 108 -4.75 -0.80 7.16
N TYR A 109 -4.98 -1.71 8.11
CA TYR A 109 -4.87 -3.15 7.83
C TYR A 109 -6.16 -3.81 8.14
N LEU A 110 -6.60 -4.77 7.32
CA LEU A 110 -7.78 -5.54 7.67
C LEU A 110 -7.50 -6.61 8.74
N MET A 111 -8.40 -6.64 9.70
CA MET A 111 -8.29 -7.51 10.86
C MET A 111 -9.26 -8.66 10.90
N ALA A 112 -8.76 -9.72 11.48
CA ALA A 112 -9.58 -10.93 11.70
C ALA A 112 -10.20 -10.92 13.05
N SER A 113 -9.51 -10.33 13.99
CA SER A 113 -9.98 -10.25 15.32
C SER A 113 -9.33 -8.98 15.90
N ASP A 114 -9.58 -8.76 17.18
CA ASP A 114 -8.94 -7.72 17.91
C ASP A 114 -7.42 -7.80 17.88
N THR A 115 -6.84 -9.00 17.84
CA THR A 115 -5.39 -9.10 18.04
C THR A 115 -4.63 -9.62 16.80
N THR A 116 -5.36 -9.97 15.74
CA THR A 116 -4.74 -10.58 14.58
C THR A 116 -5.20 -10.03 13.27
N TYR A 117 -4.24 -9.82 12.36
CA TYR A 117 -4.57 -9.46 10.98
C TYR A 117 -5.19 -10.62 10.19
N GLN A 118 -6.06 -10.31 9.26
CA GLN A 118 -6.59 -11.34 8.39
C GLN A 118 -5.52 -11.72 7.38
N GLU A 119 -5.24 -12.99 7.25
CA GLU A 119 -4.22 -13.44 6.30
C GLU A 119 -4.97 -14.00 5.09
N PHE A 120 -4.61 -13.61 3.88
CA PHE A 120 -5.26 -14.11 2.70
C PHE A 120 -4.22 -14.92 1.94
N THR A 121 -4.57 -16.13 1.51
CA THR A 121 -3.73 -16.87 0.57
C THR A 121 -4.16 -16.54 -0.86
N LEU A 122 -3.35 -15.80 -1.58
CA LEU A 122 -3.80 -15.30 -2.85
C LEU A 122 -3.75 -16.34 -3.96
N LEU A 123 -2.75 -17.21 -3.98
CA LEU A 123 -2.56 -18.07 -5.12
C LEU A 123 -3.72 -19.01 -5.32
N GLY A 124 -4.26 -19.07 -6.53
CA GLY A 124 -5.44 -19.92 -6.81
C GLY A 124 -6.75 -19.20 -6.60
N ASN A 125 -6.72 -17.96 -6.08
CA ASN A 125 -7.87 -17.24 -5.71
C ASN A 125 -7.97 -15.90 -6.38
N GLU A 126 -9.09 -15.21 -6.19
CA GLU A 126 -9.32 -13.89 -6.73
C GLU A 126 -9.81 -12.90 -5.69
N PHE A 127 -9.52 -11.63 -5.92
CA PHE A 127 -9.85 -10.57 -5.02
C PHE A 127 -10.59 -9.56 -5.83
N SER A 128 -11.75 -9.17 -5.33
CA SER A 128 -12.57 -8.19 -6.05
C SER A 128 -12.86 -7.04 -5.13
N PHE A 129 -12.93 -5.83 -5.66
CA PHE A 129 -13.42 -4.70 -4.84
C PHE A 129 -13.92 -3.60 -5.73
N ASP A 130 -14.60 -2.63 -5.13
CA ASP A 130 -15.10 -1.49 -5.85
C ASP A 130 -14.35 -0.28 -5.30
N VAL A 131 -14.14 0.76 -6.12
CA VAL A 131 -13.43 1.91 -5.68
C VAL A 131 -13.98 3.16 -6.35
N ASP A 132 -13.97 4.25 -5.60
CA ASP A 132 -14.30 5.55 -6.17
C ASP A 132 -13.05 6.39 -6.10
N VAL A 133 -12.53 6.73 -7.26
CA VAL A 133 -11.34 7.58 -7.34
C VAL A 133 -11.66 8.99 -7.83
N SER A 134 -12.91 9.33 -7.96
CA SER A 134 -13.26 10.64 -8.50
C SER A 134 -12.67 11.80 -7.72
N GLN A 135 -12.47 11.62 -6.42
CA GLN A 135 -11.98 12.72 -5.58
C GLN A 135 -10.45 12.65 -5.43
N LEU A 136 -9.76 11.92 -6.30
CA LEU A 136 -8.28 11.86 -6.26
C LEU A 136 -7.64 12.54 -7.49
N PRO A 137 -7.13 13.76 -7.29
CA PRO A 137 -6.47 14.45 -8.39
C PRO A 137 -5.05 13.94 -8.62
N CYS A 138 -4.37 14.47 -9.63
CA CYS A 138 -2.95 14.29 -9.84
C CYS A 138 -2.19 14.35 -8.53
N GLY A 139 -1.21 13.50 -8.35
CA GLY A 139 -0.36 13.60 -7.16
C GLY A 139 -0.73 12.78 -5.96
N LEU A 140 -1.91 12.17 -5.97
CA LEU A 140 -2.37 11.29 -4.92
C LEU A 140 -2.47 9.83 -5.35
N ASN A 141 -2.51 8.97 -4.34
CA ASN A 141 -2.49 7.58 -4.59
C ASN A 141 -3.30 6.87 -3.55
N GLY A 142 -4.45 6.33 -3.98
CA GLY A 142 -5.31 5.52 -3.16
C GLY A 142 -4.90 4.12 -3.45
N ALA A 143 -4.24 3.49 -2.50
CA ALA A 143 -3.66 2.17 -2.74
C ALA A 143 -4.33 1.03 -1.96
N LEU A 144 -4.48 -0.11 -2.61
CA LEU A 144 -4.93 -1.31 -1.97
C LEU A 144 -3.93 -2.40 -2.37
N TYR A 145 -3.28 -2.99 -1.38
CA TYR A 145 -2.23 -3.94 -1.66
C TYR A 145 -2.06 -4.97 -0.56
N PHE A 146 -1.26 -5.98 -0.82
CA PHE A 146 -0.94 -6.94 0.19
C PHE A 146 0.49 -7.01 0.57
N VAL A 147 0.81 -7.38 1.80
CA VAL A 147 2.20 -7.53 2.18
C VAL A 147 2.39 -8.76 3.08
N SER A 148 3.60 -9.34 3.08
CA SER A 148 3.84 -10.56 3.85
C SER A 148 4.22 -10.25 5.31
N MET A 149 3.27 -9.67 6.05
CA MET A 149 3.34 -9.37 7.46
C MET A 149 2.84 -10.56 8.33
N ASP A 150 3.33 -10.59 9.59
CA ASP A 150 2.98 -11.61 10.55
C ASP A 150 1.60 -11.28 11.04
N ALA A 151 0.76 -12.27 11.23
CA ALA A 151 -0.60 -12.03 11.64
C ALA A 151 -0.76 -11.37 13.00
N ASP A 152 0.15 -11.63 13.93
CA ASP A 152 0.05 -11.06 15.29
C ASP A 152 0.83 -9.77 15.44
N GLY A 153 1.48 -9.31 14.40
CA GLY A 153 2.12 -8.01 14.41
C GLY A 153 3.54 -8.04 14.91
N GLY A 154 4.06 -9.23 15.19
CA GLY A 154 5.43 -9.37 15.66
C GLY A 154 5.55 -9.85 17.10
N VAL A 155 4.42 -9.98 17.78
CA VAL A 155 4.35 -10.21 19.18
C VAL A 155 5.02 -11.49 19.64
N SER A 156 4.73 -12.59 18.98
CA SER A 156 5.33 -13.85 19.42
C SER A 156 6.84 -13.96 19.16
N LYS A 157 7.42 -13.16 18.28
CA LYS A 157 8.86 -13.20 18.05
C LYS A 157 9.65 -12.16 18.78
N TYR A 158 8.98 -11.12 19.25
CA TYR A 158 9.70 -9.98 19.77
C TYR A 158 8.94 -9.53 20.99
N PRO A 159 9.24 -10.14 22.14
CA PRO A 159 8.39 -9.92 23.32
C PRO A 159 8.45 -8.46 23.89
N THR A 160 9.42 -7.68 23.46
CA THR A 160 9.39 -6.26 23.80
C THR A 160 8.34 -5.44 23.02
N ASN A 161 7.58 -6.11 22.16
CA ASN A 161 6.41 -5.54 21.51
C ASN A 161 5.22 -6.24 22.05
N THR A 162 4.56 -5.61 23.01
CA THR A 162 3.32 -6.18 23.58
C THR A 162 2.07 -5.54 22.97
N ALA A 163 2.21 -4.40 22.29
CA ALA A 163 1.14 -3.74 21.57
C ALA A 163 0.57 -4.59 20.39
N GLY A 164 1.42 -5.02 19.47
CA GLY A 164 0.93 -5.98 18.46
C GLY A 164 0.00 -5.44 17.41
N ALA A 165 -0.77 -6.34 16.80
CA ALA A 165 -1.65 -5.98 15.64
C ALA A 165 -2.80 -5.08 15.99
N LYS A 166 -3.29 -5.18 17.21
CA LYS A 166 -4.26 -4.25 17.72
C LYS A 166 -3.84 -2.78 17.53
N TYR A 167 -2.53 -2.49 17.48
CA TYR A 167 -1.99 -1.10 17.38
C TYR A 167 -1.24 -0.92 16.08
N GLY A 168 -1.43 -1.87 15.18
CA GLY A 168 -0.88 -1.77 13.85
C GLY A 168 0.61 -1.91 13.74
N THR A 169 1.22 -2.76 14.55
CA THR A 169 2.68 -2.94 14.47
C THR A 169 3.01 -3.95 13.39
N GLY A 170 4.25 -3.97 12.98
CA GLY A 170 4.70 -5.07 12.13
C GLY A 170 4.79 -4.75 10.65
N TYR A 171 4.52 -3.52 10.24
CA TYR A 171 4.47 -3.24 8.80
C TYR A 171 5.79 -3.57 8.15
N CYS A 172 5.71 -4.00 6.89
CA CYS A 172 6.84 -4.17 6.01
C CYS A 172 6.37 -4.02 4.60
N ASP A 173 7.27 -3.64 3.72
CA ASP A 173 6.93 -3.68 2.32
C ASP A 173 8.14 -3.78 1.48
N SER A 174 8.01 -3.74 0.17
CA SER A 174 9.13 -3.98 -0.69
C SER A 174 10.03 -2.79 -0.89
N GLN A 175 9.66 -1.65 -0.34
CA GLN A 175 10.59 -0.55 -0.26
C GLN A 175 11.51 -0.67 0.97
N CYS A 176 11.36 -1.67 1.84
CA CYS A 176 12.20 -1.79 3.04
C CYS A 176 12.23 -0.46 3.80
N PRO A 177 11.06 0.05 4.18
CA PRO A 177 10.91 1.37 4.72
C PRO A 177 11.59 1.59 6.08
N ARG A 178 12.27 2.72 6.18
CA ARG A 178 13.07 3.03 7.34
C ARG A 178 12.50 4.18 8.13
N ASP A 179 11.35 4.66 7.70
CA ASP A 179 10.63 5.70 8.38
C ASP A 179 9.78 5.19 9.55
N LEU A 180 9.76 3.88 9.80
CA LEU A 180 8.91 3.34 10.85
C LEU A 180 9.57 3.62 12.17
N LYS A 181 8.80 4.03 13.15
CA LYS A 181 9.28 4.32 14.48
C LYS A 181 9.61 3.08 15.28
N PHE A 182 8.90 2.01 15.03
CA PHE A 182 9.14 0.75 15.72
C PHE A 182 9.24 -0.42 14.76
N ILE A 183 10.34 -1.17 14.90
CA ILE A 183 10.58 -2.36 14.14
C ILE A 183 11.09 -3.46 15.05
N ASN A 184 10.46 -4.62 15.00
CA ASN A 184 10.98 -5.81 15.70
C ASN A 184 11.14 -5.64 17.20
N GLY A 185 10.23 -4.89 17.80
CA GLY A 185 10.16 -4.75 19.23
C GLY A 185 11.07 -3.66 19.77
N GLN A 186 11.71 -2.91 18.91
CA GLN A 186 12.61 -1.87 19.33
C GLN A 186 12.28 -0.61 18.57
N ALA A 187 12.73 0.51 19.07
CA ALA A 187 12.49 1.75 18.39
C ALA A 187 13.56 1.91 17.29
N ASN A 188 13.45 2.96 16.50
CA ASN A 188 14.30 3.18 15.37
C ASN A 188 15.02 4.50 15.56
N VAL A 189 15.28 4.84 16.84
CA VAL A 189 16.07 6.03 17.15
C VAL A 189 17.58 5.85 16.91
N GLU A 190 18.21 4.70 17.34
CA GLU A 190 19.70 4.37 17.04
C GLU A 190 19.66 4.79 15.47
N GLY A 191 20.24 5.95 15.09
CA GLY A 191 20.48 6.37 13.67
C GLY A 191 19.55 7.40 12.99
N TRP A 192 18.56 7.96 13.68
CA TRP A 192 17.52 8.76 13.00
C TRP A 192 18.00 10.04 12.32
N GLU A 193 17.51 10.40 11.13
CA GLU A 193 17.79 11.73 10.47
C GLU A 193 16.41 12.32 10.02
N PRO A 194 15.99 13.51 10.53
CA PRO A 194 14.68 14.10 10.12
C PRO A 194 14.52 14.32 8.62
N SER A 195 13.31 14.33 8.10
CA SER A 195 13.12 14.72 6.69
C SER A 195 13.16 16.25 6.55
N SER A 196 13.81 16.71 5.48
CA SER A 196 13.93 18.15 5.23
C SER A 196 12.59 18.72 4.73
N ASN A 197 12.08 18.04 3.68
CA ASN A 197 10.79 18.36 3.06
C ASN A 197 9.52 17.97 3.86
N ASN A 198 9.67 17.29 5.00
CA ASN A 198 8.54 16.86 5.82
C ASN A 198 8.71 17.09 7.32
N ALA A 199 7.86 17.96 7.85
CA ALA A 199 7.83 18.29 9.28
C ALA A 199 7.74 17.06 10.20
N ASN A 200 7.10 15.99 9.71
CA ASN A 200 6.64 14.90 10.58
C ASN A 200 7.34 13.56 10.49
N THR A 201 8.30 13.46 9.57
CA THR A 201 8.92 12.18 9.34
C THR A 201 10.43 12.30 9.33
N GLY A 202 11.03 11.12 9.31
CA GLY A 202 12.46 11.00 9.18
C GLY A 202 12.80 9.57 8.86
N ILE A 203 14.07 9.24 8.77
CA ILE A 203 14.51 7.95 8.28
C ILE A 203 15.39 7.36 9.37
N GLY A 204 15.09 6.19 9.85
CA GLY A 204 15.90 5.62 10.90
C GLY A 204 16.99 4.73 10.37
N GLY A 205 17.67 4.07 11.28
CA GLY A 205 18.74 3.17 10.92
C GLY A 205 18.32 1.77 10.56
N HIS A 206 17.05 1.42 10.78
CA HIS A 206 16.55 0.11 10.42
C HIS A 206 15.37 0.27 9.48
N GLY A 207 15.18 -0.76 8.65
CA GLY A 207 14.01 -0.90 7.79
C GLY A 207 13.35 -2.26 7.95
N SER A 208 12.16 -2.42 7.40
CA SER A 208 11.37 -3.63 7.53
C SER A 208 11.01 -4.09 6.11
N CYS A 209 11.62 -5.17 5.62
CA CYS A 209 11.38 -5.70 4.29
C CYS A 209 10.42 -6.86 4.22
N CYS A 210 9.55 -6.84 3.20
CA CYS A 210 8.87 -8.05 2.76
C CYS A 210 8.23 -7.92 1.38
N SER A 211 7.76 -9.06 0.86
CA SER A 211 7.05 -9.16 -0.41
C SER A 211 5.77 -8.35 -0.45
N GLU A 212 5.47 -7.79 -1.61
CA GLU A 212 4.35 -6.87 -1.73
C GLU A 212 3.62 -7.09 -3.05
N MET A 213 2.29 -7.21 -3.01
CA MET A 213 1.48 -7.25 -4.20
C MET A 213 0.66 -6.01 -4.26
N ASP A 214 0.96 -5.11 -5.19
CA ASP A 214 0.16 -3.90 -5.37
C ASP A 214 -0.95 -4.15 -6.34
N ILE A 215 -2.13 -4.53 -5.84
CA ILE A 215 -3.29 -4.75 -6.66
C ILE A 215 -3.69 -3.47 -7.40
N TRP A 216 -3.67 -2.38 -6.67
CA TRP A 216 -4.25 -1.16 -7.13
C TRP A 216 -3.53 0.06 -6.57
N GLU A 217 -2.82 0.81 -7.44
CA GLU A 217 -2.30 2.13 -7.10
C GLU A 217 -2.88 3.06 -8.09
N ALA A 218 -3.67 4.00 -7.66
CA ALA A 218 -4.40 4.79 -8.64
C ALA A 218 -4.90 6.12 -8.15
N ASN A 219 -5.21 7.00 -9.10
CA ASN A 219 -6.02 8.19 -8.85
C ASN A 219 -6.97 8.33 -10.02
N SER A 220 -7.55 9.51 -10.23
CA SER A 220 -8.51 9.67 -11.31
C SER A 220 -7.88 9.71 -12.67
N ILE A 221 -6.59 9.74 -12.76
CA ILE A 221 -5.91 9.84 -14.06
C ILE A 221 -5.23 8.55 -14.53
N SER A 222 -4.60 7.83 -13.61
CA SER A 222 -3.82 6.62 -13.91
C SER A 222 -3.94 5.53 -12.87
N GLU A 223 -3.65 4.29 -13.26
CA GLU A 223 -3.68 3.17 -12.36
C GLU A 223 -2.64 2.13 -12.74
N ALA A 224 -2.18 1.41 -11.74
CA ALA A 224 -1.18 0.41 -11.93
C ALA A 224 -1.34 -0.77 -11.00
N LEU A 225 -0.86 -1.87 -11.49
CA LEU A 225 -0.90 -3.20 -10.88
C LEU A 225 0.55 -3.71 -10.89
N THR A 226 1.11 -4.09 -9.74
CA THR A 226 2.56 -4.33 -9.62
C THR A 226 2.98 -5.34 -8.51
N PRO A 227 3.50 -6.51 -8.90
CA PRO A 227 4.08 -7.40 -7.89
C PRO A 227 5.51 -7.08 -7.63
N HIS A 228 5.95 -7.22 -6.38
CA HIS A 228 7.33 -6.98 -5.97
C HIS A 228 7.92 -8.18 -5.22
N PRO A 229 8.73 -9.02 -5.87
CA PRO A 229 9.34 -10.11 -5.11
C PRO A 229 10.48 -9.65 -4.15
N CYS A 230 10.80 -10.47 -3.13
CA CYS A 230 12.03 -10.39 -2.29
C CYS A 230 12.66 -11.74 -2.10
N THR A 231 13.96 -11.71 -1.85
CA THR A 231 14.75 -12.93 -1.65
C THR A 231 14.38 -13.63 -0.41
N THR A 232 13.82 -12.90 0.53
CA THR A 232 13.26 -13.42 1.77
C THR A 232 11.82 -12.93 1.77
N VAL A 233 10.91 -13.89 1.86
CA VAL A 233 9.54 -13.64 1.51
C VAL A 233 8.85 -12.74 2.50
N GLY A 234 9.02 -13.04 3.78
CA GLY A 234 8.27 -12.41 4.87
C GLY A 234 9.08 -11.34 5.60
N GLN A 235 8.49 -10.79 6.68
CA GLN A 235 9.02 -9.60 7.33
C GLN A 235 10.44 -9.84 7.82
N GLU A 236 11.29 -8.87 7.58
CA GLU A 236 12.65 -9.05 7.92
C GLU A 236 13.36 -7.69 8.04
N ILE A 237 13.99 -7.42 9.18
CA ILE A 237 14.65 -6.14 9.44
C ILE A 237 15.88 -5.98 8.57
N CYS A 238 16.23 -4.80 8.08
CA CYS A 238 17.46 -4.58 7.37
C CYS A 238 18.16 -3.38 8.04
N GLU A 239 19.50 -3.24 7.80
CA GLU A 239 20.38 -2.16 8.39
C GLU A 239 20.80 -1.08 7.35
N GLY A 240 20.38 0.19 7.49
CA GLY A 240 21.02 1.31 6.70
C GLY A 240 20.94 1.35 5.15
N ASP A 241 22.01 1.84 4.46
CA ASP A 241 22.17 1.97 2.95
C ASP A 241 21.87 0.56 2.33
N GLY A 242 22.07 -0.51 3.12
CA GLY A 242 21.89 -1.93 2.70
C GLY A 242 20.47 -2.50 2.67
N CYS A 243 19.55 -1.73 3.23
CA CYS A 243 18.12 -1.92 3.07
C CYS A 243 17.67 -1.86 1.65
N GLY A 244 18.32 -0.99 0.90
CA GLY A 244 17.86 -0.68 -0.44
C GLY A 244 16.57 0.10 -0.36
N GLY A 245 15.87 0.20 -1.47
CA GLY A 245 14.61 0.88 -1.50
C GLY A 245 14.79 2.35 -1.71
N THR A 246 13.67 3.06 -1.69
CA THR A 246 13.59 4.46 -2.12
C THR A 246 14.56 5.44 -1.49
N TYR A 247 14.75 5.39 -0.19
CA TYR A 247 15.65 6.35 0.44
C TYR A 247 17.01 5.74 0.85
N SER A 248 17.67 4.92 0.01
CA SER A 248 19.05 4.43 0.29
C SER A 248 19.86 4.81 -0.92
N ASP A 249 21.18 4.94 -0.82
CA ASP A 249 22.06 5.24 -1.99
C ASP A 249 21.67 4.37 -3.23
N ASN A 250 21.95 3.07 -3.15
CA ASN A 250 21.58 2.08 -4.14
C ASN A 250 20.22 1.50 -3.81
N ARG A 251 19.18 2.10 -4.34
CA ARG A 251 17.82 1.49 -4.52
C ARG A 251 17.88 -0.05 -4.72
N TYR A 252 18.84 -0.55 -5.48
CA TYR A 252 18.87 -1.97 -5.80
C TYR A 252 19.76 -2.90 -4.92
N GLY A 253 20.32 -2.37 -3.83
CA GLY A 253 21.34 -3.09 -3.06
C GLY A 253 20.77 -3.94 -1.92
N GLY A 254 19.46 -4.14 -1.89
CA GLY A 254 18.82 -4.81 -0.75
C GLY A 254 18.25 -6.15 -1.11
N THR A 255 17.34 -6.63 -0.29
CA THR A 255 16.74 -7.95 -0.53
C THR A 255 15.47 -7.90 -1.36
N CYS A 256 14.91 -6.70 -1.60
CA CYS A 256 13.58 -6.60 -2.24
C CYS A 256 13.65 -5.85 -3.51
N ASP A 257 12.66 -6.04 -4.34
CA ASP A 257 12.68 -5.34 -5.62
C ASP A 257 11.76 -4.12 -5.49
N PRO A 258 12.34 -2.92 -5.43
CA PRO A 258 11.52 -1.75 -5.25
C PRO A 258 10.73 -1.25 -6.51
N ASP A 259 11.03 -1.75 -7.71
CA ASP A 259 10.41 -1.28 -8.92
C ASP A 259 9.20 -2.11 -9.22
N GLY A 260 9.38 -3.41 -9.24
CA GLY A 260 8.31 -4.31 -9.61
C GLY A 260 8.13 -4.39 -11.10
N CYS A 261 7.25 -5.31 -11.48
CA CYS A 261 6.87 -5.50 -12.88
C CYS A 261 5.46 -4.93 -12.94
N ASP A 262 5.36 -3.66 -13.28
CA ASP A 262 4.09 -2.97 -13.29
C ASP A 262 3.36 -3.03 -14.63
N TRP A 263 2.05 -2.96 -14.54
CA TRP A 263 1.20 -2.91 -15.67
C TRP A 263 0.32 -1.68 -15.46
N ASN A 264 0.64 -0.61 -16.18
CA ASN A 264 -0.20 0.58 -16.24
C ASN A 264 -0.65 0.70 -17.69
N PRO A 265 -1.95 0.54 -17.96
CA PRO A 265 -2.43 0.54 -19.35
C PRO A 265 -2.03 1.78 -20.21
N TYR A 266 -1.95 2.95 -19.58
CA TYR A 266 -1.61 4.18 -20.29
C TYR A 266 -0.14 4.15 -20.70
N ARG A 267 0.67 3.71 -19.75
CA ARG A 267 2.10 3.50 -19.99
C ARG A 267 2.35 2.55 -21.15
N LEU A 268 1.50 1.54 -21.30
CA LEU A 268 1.66 0.51 -22.35
C LEU A 268 1.15 1.00 -23.70
N GLY A 269 0.53 2.18 -23.74
CA GLY A 269 0.11 2.78 -25.00
C GLY A 269 -1.37 3.05 -25.13
N ASN A 270 -2.23 2.59 -24.20
CA ASN A 270 -3.66 2.78 -24.31
C ASN A 270 -4.15 3.98 -23.50
N THR A 271 -4.20 5.12 -24.16
CA THR A 271 -4.41 6.37 -23.49
C THR A 271 -5.89 6.71 -23.39
N SER A 272 -6.77 5.82 -23.81
CA SER A 272 -8.18 6.13 -23.70
C SER A 272 -8.97 5.10 -22.88
N PHE A 273 -8.26 4.22 -22.20
CA PHE A 273 -8.93 3.18 -21.38
C PHE A 273 -9.44 3.68 -20.03
N TYR A 274 -8.65 4.48 -19.30
CA TYR A 274 -8.91 4.84 -17.92
C TYR A 274 -8.73 6.33 -17.74
N GLY A 275 -9.82 7.01 -17.33
CA GLY A 275 -9.78 8.45 -17.15
C GLY A 275 -11.08 9.14 -16.84
N PRO A 276 -11.02 10.42 -16.54
CA PRO A 276 -12.24 11.15 -16.11
C PRO A 276 -13.15 11.47 -17.28
N GLY A 277 -14.41 11.09 -17.22
CA GLY A 277 -15.32 11.40 -18.28
C GLY A 277 -15.60 10.26 -19.21
N SER A 278 -16.59 10.48 -20.06
CA SER A 278 -17.14 9.41 -20.89
C SER A 278 -16.41 9.25 -22.23
N SER A 279 -15.36 10.02 -22.44
CA SER A 279 -14.43 9.66 -23.52
C SER A 279 -13.45 8.52 -23.18
N PHE A 280 -13.52 7.95 -21.98
CA PHE A 280 -12.67 6.85 -21.52
C PHE A 280 -13.53 5.64 -21.37
N THR A 281 -12.93 4.48 -21.61
CA THR A 281 -13.68 3.25 -21.52
C THR A 281 -14.23 3.06 -20.09
N LEU A 282 -13.34 3.20 -19.09
CA LEU A 282 -13.65 3.30 -17.65
C LEU A 282 -13.58 4.76 -17.22
N ASP A 283 -14.69 5.20 -16.65
CA ASP A 283 -14.93 6.57 -16.38
C ASP A 283 -14.66 6.75 -14.90
N THR A 284 -13.54 7.41 -14.61
CA THR A 284 -13.10 7.57 -13.24
C THR A 284 -13.89 8.58 -12.44
N THR A 285 -14.85 9.27 -13.04
CA THR A 285 -15.82 10.02 -12.20
C THR A 285 -16.89 9.07 -11.62
N LYS A 286 -16.82 7.78 -11.93
CA LYS A 286 -17.74 6.84 -11.32
C LYS A 286 -17.09 5.61 -10.71
N LYS A 287 -17.84 5.00 -9.82
CA LYS A 287 -17.46 3.83 -9.10
C LYS A 287 -17.14 2.73 -10.12
N LEU A 288 -16.10 1.94 -9.86
CA LEU A 288 -15.84 0.77 -10.67
C LEU A 288 -15.39 -0.44 -9.88
N THR A 289 -15.56 -1.60 -10.50
CA THR A 289 -15.19 -2.84 -9.87
C THR A 289 -13.87 -3.33 -10.45
N VAL A 290 -12.98 -3.79 -9.59
CA VAL A 290 -11.72 -4.29 -10.05
C VAL A 290 -11.53 -5.71 -9.59
N VAL A 291 -11.32 -6.64 -10.53
CA VAL A 291 -11.10 -8.03 -10.18
C VAL A 291 -9.72 -8.49 -10.57
N THR A 292 -9.04 -9.18 -9.67
CA THR A 292 -7.66 -9.61 -9.90
C THR A 292 -7.51 -11.08 -9.55
N GLN A 293 -6.93 -11.88 -10.43
CA GLN A 293 -6.85 -13.33 -10.18
C GLN A 293 -5.45 -13.81 -10.17
N PHE A 294 -5.16 -14.67 -9.24
CA PHE A 294 -3.81 -15.14 -9.09
C PHE A 294 -3.73 -16.60 -9.59
N GLU A 295 -3.50 -16.69 -10.89
CA GLU A 295 -3.44 -17.97 -11.56
C GLU A 295 -2.36 -18.85 -10.96
N THR A 296 -2.58 -20.16 -10.95
CA THR A 296 -1.61 -21.01 -10.33
C THR A 296 -0.26 -21.02 -11.06
N SER A 297 -0.18 -20.56 -12.29
CA SER A 297 1.15 -20.49 -12.90
C SER A 297 2.00 -19.34 -12.34
N GLY A 298 1.42 -18.42 -11.61
CA GLY A 298 2.10 -17.23 -11.13
C GLY A 298 1.75 -16.02 -11.96
N ALA A 299 1.02 -16.22 -13.04
CA ALA A 299 0.43 -15.10 -13.75
C ALA A 299 -0.76 -14.44 -13.00
N ILE A 300 -1.07 -13.24 -13.44
CA ILE A 300 -2.10 -12.43 -12.88
C ILE A 300 -3.02 -11.88 -13.95
N ASN A 301 -4.31 -12.17 -13.76
CA ASN A 301 -5.33 -11.71 -14.65
C ASN A 301 -6.16 -10.63 -14.00
N ARG A 302 -6.62 -9.69 -14.80
CA ARG A 302 -7.41 -8.54 -14.40
C ARG A 302 -8.61 -8.21 -15.31
N TYR A 303 -9.73 -7.90 -14.70
CA TYR A 303 -10.84 -7.37 -15.47
C TYR A 303 -11.60 -6.41 -14.60
N TYR A 304 -12.28 -5.47 -15.25
CA TYR A 304 -13.05 -4.47 -14.56
C TYR A 304 -14.51 -4.61 -14.89
N VAL A 305 -15.34 -4.01 -14.07
CA VAL A 305 -16.74 -3.89 -14.36
C VAL A 305 -17.19 -2.48 -14.01
N GLN A 306 -17.93 -1.84 -14.90
CA GLN A 306 -18.59 -0.61 -14.60
C GLN A 306 -19.98 -0.52 -15.31
N ASN A 307 -20.97 -0.14 -14.50
CA ASN A 307 -22.39 0.00 -14.90
CA ASN A 307 -22.31 0.12 -14.97
C ASN A 307 -22.81 -1.18 -15.71
N GLY A 308 -22.47 -2.35 -15.15
CA GLY A 308 -22.89 -3.64 -15.73
C GLY A 308 -22.11 -4.18 -16.93
N VAL A 309 -21.20 -3.40 -17.48
CA VAL A 309 -20.38 -3.86 -18.55
C VAL A 309 -19.02 -4.32 -18.04
N THR A 310 -18.58 -5.47 -18.56
CA THR A 310 -17.29 -6.10 -18.18
C THR A 310 -16.22 -5.79 -19.21
N PHE A 311 -15.05 -5.35 -18.75
CA PHE A 311 -13.90 -5.10 -19.66
C PHE A 311 -12.66 -5.83 -19.16
N GLN A 312 -12.03 -6.57 -20.03
CA GLN A 312 -10.83 -7.28 -19.65
C GLN A 312 -9.71 -6.25 -19.72
N GLN A 313 -8.58 -6.54 -19.08
CA GLN A 313 -7.42 -5.67 -19.17
C GLN A 313 -7.12 -5.53 -20.65
N PRO A 314 -6.81 -4.35 -21.12
CA PRO A 314 -6.50 -4.21 -22.58
C PRO A 314 -5.24 -4.95 -23.05
N ASN A 315 -5.22 -5.36 -24.32
CA ASN A 315 -4.04 -5.99 -24.90
C ASN A 315 -2.93 -5.02 -25.05
N ALA A 316 -1.72 -5.57 -24.99
CA ALA A 316 -0.52 -4.80 -25.05
C ALA A 316 0.44 -5.45 -26.00
N GLU A 317 1.12 -4.62 -26.75
CA GLU A 317 2.25 -5.07 -27.50
C GLU A 317 3.43 -4.44 -26.86
N LEU A 318 4.39 -5.24 -26.51
CA LEU A 318 5.54 -4.70 -25.77
C LEU A 318 6.67 -5.62 -26.10
N GLY A 319 7.57 -5.13 -26.92
CA GLY A 319 8.69 -5.96 -27.38
C GLY A 319 8.11 -7.19 -28.03
N SER A 320 8.54 -8.35 -27.61
CA SER A 320 8.03 -9.57 -28.18
C SER A 320 6.72 -10.06 -27.56
N TYR A 321 6.29 -9.46 -26.45
CA TYR A 321 5.10 -9.85 -25.78
C TYR A 321 3.88 -9.27 -26.43
N SER A 322 2.86 -10.10 -26.53
CA SER A 322 1.56 -9.69 -26.99
C SER A 322 0.53 -10.34 -26.09
N GLY A 323 -0.36 -9.59 -25.49
CA GLY A 323 -1.38 -10.19 -24.63
C GLY A 323 -1.91 -9.21 -23.63
N ASN A 324 -2.66 -9.78 -22.69
CA ASN A 324 -3.24 -8.97 -21.64
C ASN A 324 -3.06 -9.48 -20.22
N GLU A 325 -2.22 -10.50 -20.06
CA GLU A 325 -1.87 -11.07 -18.77
C GLU A 325 -0.49 -10.68 -18.35
N LEU A 326 -0.39 -10.32 -17.07
CA LEU A 326 0.89 -10.10 -16.39
C LEU A 326 1.52 -11.47 -16.05
N ASN A 327 2.33 -11.97 -16.96
CA ASN A 327 3.05 -13.26 -16.84
C ASN A 327 4.53 -12.95 -17.05
N ASP A 328 5.34 -13.87 -16.60
CA ASP A 328 6.60 -14.23 -17.13
C ASP A 328 7.00 -13.49 -18.45
N ASP A 329 6.35 -13.81 -19.54
CA ASP A 329 6.68 -13.24 -20.80
C ASP A 329 6.59 -11.73 -20.78
N TYR A 330 5.55 -11.18 -20.19
CA TYR A 330 5.41 -9.74 -20.08
C TYR A 330 6.49 -9.10 -19.25
N CYS A 331 6.73 -9.62 -18.05
CA CYS A 331 7.82 -9.12 -17.16
C CYS A 331 9.17 -9.07 -17.80
N THR A 332 9.49 -10.10 -18.54
CA THR A 332 10.74 -10.20 -19.23
C THR A 332 10.82 -9.19 -20.35
N ALA A 333 9.74 -9.03 -21.11
CA ALA A 333 9.71 -8.03 -22.19
C ALA A 333 9.80 -6.60 -21.67
N GLU A 334 9.15 -6.31 -20.53
CA GLU A 334 9.22 -5.01 -19.88
C GLU A 334 10.63 -4.53 -19.54
N GLU A 335 11.42 -5.42 -18.97
CA GLU A 335 12.82 -5.11 -18.66
C GLU A 335 13.61 -4.74 -19.90
N ALA A 336 13.38 -5.51 -20.92
CA ALA A 336 14.06 -5.34 -22.17
C ALA A 336 13.69 -4.07 -22.94
N GLU A 337 12.44 -3.65 -22.86
CA GLU A 337 11.97 -2.41 -23.47
C GLU A 337 12.05 -1.15 -22.63
N PHE A 338 11.72 -1.23 -21.33
CA PHE A 338 11.69 -0.04 -20.46
C PHE A 338 12.91 0.11 -19.62
N GLY A 339 13.73 -0.93 -19.57
CA GLY A 339 14.90 -1.04 -18.73
C GLY A 339 14.62 -1.68 -17.42
N GLY A 340 15.69 -2.15 -16.78
CA GLY A 340 15.67 -2.62 -15.39
C GLY A 340 16.04 -4.09 -15.33
N SER A 341 16.60 -4.52 -14.22
CA SER A 341 16.67 -5.96 -13.98
C SER A 341 16.31 -6.34 -12.53
N SER A 342 15.95 -5.36 -11.72
CA SER A 342 15.57 -5.58 -10.34
C SER A 342 14.53 -6.73 -10.13
N PHE A 343 13.52 -6.78 -10.98
CA PHE A 343 12.46 -7.75 -10.81
C PHE A 343 12.92 -9.17 -11.04
N SER A 344 13.63 -9.43 -12.10
CA SER A 344 14.11 -10.80 -12.30
C SER A 344 15.33 -11.14 -11.43
N ASP A 345 16.07 -10.14 -10.98
CA ASP A 345 17.14 -10.36 -10.01
C ASP A 345 16.65 -10.90 -8.70
N LYS A 346 15.50 -10.41 -8.25
CA LYS A 346 14.97 -10.84 -7.01
C LYS A 346 14.03 -12.06 -7.19
N GLY A 347 14.05 -12.71 -8.38
CA GLY A 347 13.31 -13.96 -8.64
C GLY A 347 12.05 -13.97 -9.53
N GLY A 348 11.56 -12.80 -9.93
CA GLY A 348 10.45 -12.77 -10.90
C GLY A 348 9.18 -13.34 -10.31
N LEU A 349 8.26 -13.76 -11.18
CA LEU A 349 6.97 -14.29 -10.71
C LEU A 349 7.07 -15.58 -9.94
N THR A 350 8.12 -16.31 -10.19
CA THR A 350 8.34 -17.58 -9.50
C THR A 350 8.61 -17.41 -8.04
N GLN A 351 9.49 -16.47 -7.72
CA GLN A 351 9.74 -16.12 -6.34
C GLN A 351 8.54 -15.39 -5.71
N PHE A 352 7.81 -14.64 -6.49
CA PHE A 352 6.63 -14.00 -6.00
C PHE A 352 5.55 -15.02 -5.63
N LYS A 353 5.46 -16.19 -6.29
CA LYS A 353 4.50 -17.25 -5.89
C LYS A 353 4.70 -17.71 -4.45
N LYS A 354 5.91 -17.65 -3.94
CA LYS A 354 6.14 -18.05 -2.56
C LYS A 354 5.45 -17.06 -1.61
N ALA A 355 5.33 -15.81 -1.99
CA ALA A 355 4.57 -14.88 -1.22
C ALA A 355 3.09 -15.20 -1.34
N THR A 356 2.61 -15.31 -2.58
CA THR A 356 1.18 -15.47 -2.77
C THR A 356 0.70 -16.81 -2.31
N SER A 357 1.59 -17.76 -2.20
CA SER A 357 1.08 -19.03 -1.75
C SER A 357 1.13 -19.20 -0.26
N GLY A 358 1.72 -18.27 0.47
CA GLY A 358 1.53 -18.20 1.92
C GLY A 358 0.50 -17.10 2.24
N GLY A 359 0.41 -16.66 3.47
CA GLY A 359 -0.54 -15.60 3.83
C GLY A 359 -0.02 -14.19 3.56
N MET A 360 -0.89 -13.26 3.11
CA MET A 360 -0.56 -11.86 3.03
C MET A 360 -1.68 -11.06 3.68
N VAL A 361 -1.33 -9.90 4.22
CA VAL A 361 -2.26 -9.04 4.92
C VAL A 361 -2.74 -7.90 3.99
N LEU A 362 -4.03 -7.55 4.05
CA LEU A 362 -4.64 -6.52 3.15
C LEU A 362 -4.39 -5.14 3.67
N VAL A 363 -3.92 -4.20 2.84
CA VAL A 363 -3.59 -2.87 3.30
C VAL A 363 -4.38 -1.86 2.47
N MET A 364 -4.90 -0.83 3.09
CA MET A 364 -5.57 0.18 2.29
C MET A 364 -5.04 1.50 2.78
N SER A 365 -4.67 2.35 1.86
CA SER A 365 -4.10 3.59 2.22
C SER A 365 -4.38 4.72 1.23
N LEU A 366 -4.14 5.93 1.72
CA LEU A 366 -4.05 7.09 0.89
C LEU A 366 -2.81 7.90 1.25
N TRP A 367 -2.00 8.24 0.27
CA TRP A 367 -0.75 8.92 0.49
C TRP A 367 -0.37 9.81 -0.69
N ASP A 368 0.51 10.76 -0.37
CA ASP A 368 1.23 11.60 -1.33
C ASP A 368 2.76 11.34 -1.23
N ASP A 369 3.51 11.82 -2.20
CA ASP A 369 4.80 11.24 -2.50
C ASP A 369 5.87 12.28 -2.29
N TYR A 370 6.47 12.27 -1.12
CA TYR A 370 7.56 13.19 -0.83
C TYR A 370 8.78 13.00 -1.75
N TYR A 371 8.94 11.85 -2.38
CA TYR A 371 10.16 11.60 -3.15
C TYR A 371 10.04 11.93 -4.63
N ALA A 372 8.99 11.50 -5.30
CA ALA A 372 8.86 11.74 -6.74
C ALA A 372 7.52 12.32 -7.16
N ASN A 373 6.73 12.80 -6.22
CA ASN A 373 5.49 13.50 -6.53
C ASN A 373 4.38 12.69 -7.30
N MET A 374 4.41 11.35 -7.17
CA MET A 374 3.55 10.46 -7.93
C MET A 374 3.70 10.59 -9.45
N LEU A 375 4.83 11.09 -9.96
CA LEU A 375 4.99 11.29 -11.39
C LEU A 375 5.18 9.98 -12.08
N TRP A 376 5.82 9.04 -11.41
CA TRP A 376 5.94 7.67 -11.92
C TRP A 376 4.58 6.96 -12.24
N LEU A 377 3.53 7.39 -11.57
CA LEU A 377 2.21 6.87 -11.84
C LEU A 377 1.41 7.65 -12.88
N ASP A 378 1.38 8.98 -12.81
CA ASP A 378 0.41 9.73 -13.61
C ASP A 378 0.97 10.80 -14.56
N SER A 379 2.29 10.82 -14.77
CA SER A 379 2.92 11.90 -15.58
C SER A 379 4.02 11.36 -16.46
N THR A 380 4.93 12.19 -16.89
CA THR A 380 6.09 11.72 -17.59
C THR A 380 7.28 11.55 -16.64
N TYR A 381 7.99 10.42 -16.63
CA TYR A 381 9.01 10.21 -15.60
C TYR A 381 10.03 9.32 -16.19
N PRO A 382 11.31 9.62 -16.01
CA PRO A 382 11.73 10.91 -15.39
C PRO A 382 11.30 12.11 -16.21
N THR A 383 11.29 13.23 -15.52
CA THR A 383 10.53 14.41 -15.88
C THR A 383 11.01 15.11 -17.16
N ASN A 384 12.21 14.76 -17.57
CA ASN A 384 12.84 15.35 -18.71
C ASN A 384 12.86 14.44 -19.92
N GLU A 385 12.26 13.27 -19.87
CA GLU A 385 12.00 12.45 -21.05
C GLU A 385 10.78 12.92 -21.80
N THR A 386 10.55 12.39 -22.99
CA THR A 386 9.36 12.70 -23.83
C THR A 386 8.80 11.39 -24.33
N SER A 387 7.62 11.42 -24.93
CA SER A 387 7.00 10.18 -25.39
C SER A 387 7.79 9.35 -26.43
N SER A 388 8.87 9.86 -27.00
CA SER A 388 9.62 8.98 -27.87
C SER A 388 10.53 8.08 -27.01
N THR A 389 10.58 8.29 -25.71
CA THR A 389 11.20 7.31 -24.80
C THR A 389 10.18 6.27 -24.32
N PRO A 390 10.47 4.96 -24.52
CA PRO A 390 9.46 3.91 -24.17
C PRO A 390 9.17 3.83 -22.68
N GLY A 391 7.90 3.91 -22.38
CA GLY A 391 7.46 3.93 -20.99
C GLY A 391 7.70 5.14 -20.13
N ALA A 392 8.19 6.23 -20.72
CA ALA A 392 8.34 7.48 -19.97
C ALA A 392 6.98 8.03 -19.57
N VAL A 393 6.04 8.03 -20.52
CA VAL A 393 4.73 8.63 -20.26
C VAL A 393 3.74 7.70 -19.59
N ARG A 394 3.33 8.01 -18.36
CA ARG A 394 2.48 7.13 -17.60
C ARG A 394 1.10 7.68 -17.34
N GLY A 395 0.92 8.97 -17.60
CA GLY A 395 -0.40 9.58 -17.47
C GLY A 395 -0.34 10.98 -18.01
N SER A 396 -1.48 11.65 -18.04
CA SER A 396 -1.54 12.94 -18.71
C SER A 396 -1.18 14.14 -17.82
N CYS A 397 -0.87 13.88 -16.56
CA CYS A 397 -0.59 14.98 -15.64
C CYS A 397 0.71 15.72 -15.97
N SER A 398 0.66 16.98 -15.60
CA SER A 398 1.77 17.84 -15.77
C SER A 398 2.97 17.36 -14.94
N THR A 399 4.09 17.65 -15.50
CA THR A 399 5.35 17.37 -14.91
C THR A 399 5.64 18.11 -13.58
N SER A 400 4.89 19.17 -13.31
CA SER A 400 5.00 19.83 -12.02
C SER A 400 3.82 19.61 -11.08
N SER A 401 3.00 18.59 -11.32
CA SER A 401 1.98 18.24 -10.35
C SER A 401 2.53 17.44 -9.18
N GLY A 402 1.75 17.32 -8.13
CA GLY A 402 2.08 16.34 -7.10
C GLY A 402 3.00 16.72 -5.97
N VAL A 403 3.46 17.96 -5.97
CA VAL A 403 4.35 18.40 -4.90
C VAL A 403 3.53 18.35 -3.61
N PRO A 404 4.01 17.64 -2.60
CA PRO A 404 3.09 17.47 -1.46
C PRO A 404 2.56 18.74 -0.77
N ALA A 405 3.31 19.80 -0.54
CA ALA A 405 2.71 20.99 0.14
C ALA A 405 1.65 21.64 -0.73
N GLN A 406 1.88 21.61 -2.05
CA GLN A 406 0.95 22.11 -3.08
C GLN A 406 -0.38 21.41 -2.96
N VAL A 407 -0.39 20.08 -3.04
CA VAL A 407 -1.68 19.38 -3.13
C VAL A 407 -2.32 19.32 -1.76
N GLU A 408 -1.52 19.25 -0.69
CA GLU A 408 -2.07 19.27 0.67
C GLU A 408 -2.89 20.53 0.87
N SER A 409 -2.41 21.65 0.33
CA SER A 409 -3.17 22.87 0.57
C SER A 409 -4.20 23.10 -0.52
N GLN A 410 -4.06 22.60 -1.72
CA GLN A 410 -5.08 22.88 -2.72
C GLN A 410 -6.16 21.76 -2.90
N SER A 411 -5.99 20.55 -2.36
CA SER A 411 -7.06 19.53 -2.43
C SER A 411 -7.16 18.76 -1.11
N PRO A 412 -7.35 19.49 -0.02
CA PRO A 412 -7.32 18.83 1.28
C PRO A 412 -8.50 17.85 1.48
N ASN A 413 -9.62 18.10 0.82
CA ASN A 413 -10.77 17.14 0.83
C ASN A 413 -10.76 15.97 -0.17
N ALA A 414 -9.67 15.78 -0.91
CA ALA A 414 -9.49 14.56 -1.64
C ALA A 414 -9.83 13.40 -0.72
N LYS A 415 -10.41 12.36 -1.32
CA LYS A 415 -10.73 11.11 -0.58
C LYS A 415 -10.77 9.92 -1.53
N VAL A 416 -10.62 8.72 -0.95
CA VAL A 416 -10.78 7.51 -1.68
C VAL A 416 -11.73 6.68 -0.93
N THR A 417 -12.56 5.94 -1.62
CA THR A 417 -13.53 5.09 -1.00
C THR A 417 -13.45 3.68 -1.62
N PHE A 418 -13.07 2.71 -0.80
CA PHE A 418 -13.03 1.32 -1.25
C PHE A 418 -14.20 0.57 -0.72
N SER A 419 -14.74 -0.35 -1.46
CA SER A 419 -15.91 -1.02 -0.89
C SER A 419 -16.10 -2.33 -1.51
N ASN A 420 -16.99 -3.09 -0.89
CA ASN A 420 -17.43 -4.33 -1.36
C ASN A 420 -16.34 -5.34 -1.69
N ILE A 421 -15.48 -5.60 -0.72
CA ILE A 421 -14.43 -6.58 -0.88
C ILE A 421 -14.99 -7.99 -1.00
N LYS A 422 -14.52 -8.76 -1.99
CA LYS A 422 -14.90 -10.16 -2.11
C LYS A 422 -13.69 -10.94 -2.46
N PHE A 423 -13.59 -12.14 -1.91
CA PHE A 423 -12.42 -12.92 -2.02
C PHE A 423 -12.84 -14.38 -2.02
N GLY A 424 -12.31 -15.15 -2.93
CA GLY A 424 -12.52 -16.60 -2.93
C GLY A 424 -11.82 -17.25 -4.14
N PRO A 425 -12.10 -18.52 -4.41
CA PRO A 425 -11.56 -19.16 -5.60
C PRO A 425 -11.84 -18.43 -6.87
N ILE A 426 -10.91 -18.59 -7.80
CA ILE A 426 -11.05 -18.06 -9.15
C ILE A 426 -12.43 -18.40 -9.70
N GLY A 427 -13.07 -17.37 -10.26
CA GLY A 427 -14.43 -17.45 -10.79
C GLY A 427 -15.58 -17.38 -9.77
N SER A 428 -15.31 -17.26 -8.50
CA SER A 428 -16.36 -17.29 -7.54
C SER A 428 -16.88 -15.87 -7.17
N THR A 429 -16.15 -14.79 -7.48
CA THR A 429 -16.55 -13.53 -6.83
C THR A 429 -17.62 -12.78 -7.56
N GLY A 430 -17.96 -13.25 -8.74
CA GLY A 430 -19.19 -12.79 -9.40
C GLY A 430 -20.46 -13.39 -8.81
N ASN A 431 -20.34 -14.23 -7.77
CA ASN A 431 -21.52 -14.80 -7.11
C ASN A 431 -22.26 -13.75 -6.29
N PRO A 432 -23.60 -13.92 -6.17
CA PRO A 432 -24.42 -13.02 -5.33
C PRO A 432 -23.93 -13.00 -3.87
N SER A 433 -24.07 -11.87 -3.16
CA SER A 433 -23.67 -11.78 -1.73
C SER A 433 -24.72 -12.32 -0.70
N GLY A 434 -24.42 -12.38 0.62
CA GLY A 434 -25.42 -12.87 1.59
C GLY A 434 -24.84 -13.31 2.92
#